data_3B7W
#
_entry.id   3B7W
#
_cell.length_a   98.426
_cell.length_b   109.173
_cell.length_c   176.926
_cell.angle_alpha   90.00
_cell.angle_beta   90.00
_cell.angle_gamma   90.00
#
_symmetry.space_group_name_H-M   'I 2 2 2'
#
loop_
_entity.id
_entity.type
_entity.pdbx_description
1 polymer 'Acyl-coenzyme A synthetase ACSM2A, mitochondrial precursor'
2 non-polymer 'MAGNESIUM ION'
3 non-polymer 'CHLORIDE ION'
4 non-polymer GLYCEROL
5 water water
#
_entity_poly.entity_id   1
_entity_poly.type   'polypeptide(L)'
_entity_poly.pdbx_seq_one_letter_code
;MGHHHHHHSSGVDLGTENLYFQSMSLQWGHQEVPAKFNFASDVLDHWADMEKAGKRPPSPALWWVNGKGKELMWNFRELS
ENSQQAANVLSGACGLQRGDRVAVVLPRVPEWWLVILGCIRAGLIFMPGTIQMKSTDILYRLQMSKAKAIVAGDEVIQEV
DTVASECPSLRIKLLVSEKSCDGWLNFKKLLNEASTTHHCVETGSQEASAIYFTSGTSGLPKMAEHSYSSLGLKAKMDAG
WTGLQASDIMWTISDTGWILNILCSLMEPWALGACTFVHLLPKFDPLVILKTLSSYPIKSMMGAPIVYRMLLQQDLSSYK
FPHLQNCVTVGESLLPETLENWRAQTGLDIRESYGQTETGLTCMVSKTMKIKPGYMGTAASCYDVQIIDDKGNVLPPGTE
GDIGIRVKPIRPIGIFSGYVDNPDKTAANIRGDFWLLGDRGIKDEDGYFQFMGRADDIINSSGYRIGPSEVENALMEHPA
VVETAVISSPDPVRGEVVKAFVVLASQFLSHDPEQLTKELQQHVKSVTAPYKYPRKIEFVLNLPKTVTGKIQRAKLRDKE
WKMSGKARAQ
;
_entity_poly.pdbx_strand_id   A
#
# COMPACT_ATOMS: atom_id res chain seq x y z
N LEU A 26 16.57 -3.54 -23.29
CA LEU A 26 16.41 -4.03 -21.90
C LEU A 26 16.30 -5.56 -21.87
N GLN A 27 17.29 -6.21 -21.27
CA GLN A 27 17.09 -7.56 -20.74
C GLN A 27 16.00 -7.55 -19.64
N TRP A 28 15.90 -6.43 -18.91
CA TRP A 28 14.83 -6.15 -17.89
C TRP A 28 13.39 -6.42 -18.34
N GLY A 29 13.01 -5.89 -19.51
CA GLY A 29 11.66 -6.16 -20.08
C GLY A 29 11.34 -7.63 -20.32
N HIS A 30 12.38 -8.43 -20.62
CA HIS A 30 12.20 -9.87 -20.86
C HIS A 30 11.88 -10.60 -19.57
N GLN A 31 10.85 -11.44 -19.64
CA GLN A 31 10.47 -12.31 -18.55
C GLN A 31 9.90 -13.63 -19.04
N GLU A 32 9.80 -14.56 -18.10
CA GLU A 32 9.22 -15.88 -18.32
C GLU A 32 7.74 -15.82 -17.98
N VAL A 33 6.97 -15.20 -18.87
CA VAL A 33 5.54 -14.94 -18.65
C VAL A 33 4.79 -15.23 -19.97
N PRO A 34 3.49 -15.60 -19.88
CA PRO A 34 2.68 -15.68 -21.11
C PRO A 34 2.57 -14.31 -21.77
N ALA A 35 2.24 -14.28 -23.05
CA ALA A 35 2.16 -13.01 -23.76
C ALA A 35 1.04 -12.13 -23.22
N LYS A 36 -0.04 -12.77 -22.81
CA LYS A 36 -1.22 -12.05 -22.32
C LYS A 36 -1.56 -12.52 -20.93
N PHE A 37 -1.98 -11.55 -20.11
CA PHE A 37 -2.52 -11.86 -18.81
C PHE A 37 -3.48 -10.75 -18.36
N ASN A 38 -4.54 -11.16 -17.68
CA ASN A 38 -5.50 -10.22 -17.10
C ASN A 38 -6.15 -10.88 -15.88
N PHE A 39 -6.04 -10.25 -14.71
CA PHE A 39 -6.53 -10.91 -13.50
C PHE A 39 -8.05 -11.15 -13.61
N ALA A 40 -8.77 -10.17 -14.15
CA ALA A 40 -10.24 -10.26 -14.23
C ALA A 40 -10.73 -11.42 -15.11
N SER A 41 -10.22 -11.52 -16.34
CA SER A 41 -10.62 -12.60 -17.26
C SER A 41 -9.98 -13.94 -16.93
N ASP A 42 -8.74 -13.92 -16.43
CA ASP A 42 -8.02 -15.13 -16.20
C ASP A 42 -8.35 -15.73 -14.84
N VAL A 43 -8.70 -14.91 -13.86
CA VAL A 43 -8.89 -15.46 -12.53
C VAL A 43 -10.32 -15.29 -12.07
N LEU A 44 -10.78 -14.05 -12.00
CA LEU A 44 -12.11 -13.79 -11.48
C LEU A 44 -13.21 -14.47 -12.31
N ASP A 45 -13.08 -14.46 -13.64
CA ASP A 45 -14.16 -15.01 -14.50
C ASP A 45 -14.15 -16.54 -14.59
N HIS A 46 -13.03 -17.16 -14.24
CA HIS A 46 -13.00 -18.59 -13.94
C HIS A 46 -13.97 -18.98 -12.81
N TRP A 47 -13.87 -18.30 -11.67
CA TRP A 47 -14.83 -18.51 -10.58
C TRP A 47 -16.28 -18.19 -10.94
N ALA A 48 -16.51 -17.07 -11.62
CA ALA A 48 -17.85 -16.71 -12.13
C ALA A 48 -18.40 -17.83 -13.03
N ASP A 49 -17.57 -18.31 -13.96
CA ASP A 49 -17.94 -19.41 -14.86
C ASP A 49 -18.19 -20.73 -14.16
N MET A 50 -17.43 -21.04 -13.12
CA MET A 50 -17.68 -22.23 -12.30
C MET A 50 -19.09 -22.20 -11.71
N GLU A 51 -19.49 -21.04 -11.22
CA GLU A 51 -20.84 -20.88 -10.67
C GLU A 51 -21.90 -21.06 -11.74
N LYS A 52 -21.72 -20.37 -12.84
CA LYS A 52 -22.69 -20.38 -13.93
C LYS A 52 -22.84 -21.78 -14.52
N ALA A 53 -21.72 -22.50 -14.63
CA ALA A 53 -21.71 -23.86 -15.15
C ALA A 53 -22.23 -24.90 -14.16
N GLY A 54 -22.50 -24.49 -12.92
CA GLY A 54 -22.96 -25.41 -11.90
C GLY A 54 -21.87 -26.27 -11.29
N LYS A 55 -20.62 -25.93 -11.56
CA LYS A 55 -19.50 -26.74 -11.11
C LYS A 55 -18.99 -26.34 -9.73
N ARG A 56 -19.46 -25.20 -9.26
CA ARG A 56 -19.21 -24.76 -7.91
C ARG A 56 -20.48 -24.06 -7.48
N PRO A 57 -20.92 -24.25 -6.22
CA PRO A 57 -22.05 -23.47 -5.74
C PRO A 57 -21.70 -21.96 -5.69
N PRO A 58 -22.74 -21.09 -5.73
CA PRO A 58 -22.52 -19.66 -5.56
C PRO A 58 -21.72 -19.42 -4.28
N SER A 59 -20.59 -18.76 -4.40
CA SER A 59 -19.61 -18.69 -3.33
C SER A 59 -19.37 -17.23 -3.06
N PRO A 60 -19.31 -16.85 -1.78
CA PRO A 60 -19.06 -15.46 -1.47
C PRO A 60 -17.65 -15.00 -1.92
N ALA A 61 -17.64 -13.81 -2.51
CA ALA A 61 -16.43 -13.20 -3.07
C ALA A 61 -16.11 -11.92 -2.30
N LEU A 62 -17.12 -11.09 -2.07
CA LEU A 62 -16.96 -9.83 -1.39
C LEU A 62 -18.09 -9.66 -0.35
N TRP A 63 -17.68 -9.46 0.88
CA TRP A 63 -18.59 -9.28 2.00
C TRP A 63 -18.18 -8.00 2.68
N TRP A 64 -19.04 -7.01 2.55
CA TRP A 64 -18.81 -5.68 3.06
C TRP A 64 -19.84 -5.34 4.15
N VAL A 65 -19.36 -4.69 5.20
CA VAL A 65 -20.17 -4.24 6.31
C VAL A 65 -19.71 -2.80 6.66
N ASN A 66 -20.65 -1.99 7.14
CA ASN A 66 -20.30 -0.65 7.62
C ASN A 66 -20.25 -0.54 9.14
N GLY A 67 -20.64 -1.58 9.84
CA GLY A 67 -20.65 -1.58 11.27
C GLY A 67 -21.78 -0.76 11.86
N LYS A 68 -22.83 -0.50 11.07
CA LYS A 68 -24.01 0.17 11.55
C LYS A 68 -25.25 -0.56 11.09
N GLY A 69 -25.10 -1.81 10.67
CA GLY A 69 -26.25 -2.63 10.29
C GLY A 69 -26.50 -2.82 8.81
N LYS A 70 -25.62 -2.28 7.96
CA LYS A 70 -25.68 -2.54 6.56
C LYS A 70 -24.62 -3.56 6.21
N GLU A 71 -25.01 -4.54 5.41
CA GLU A 71 -24.07 -5.51 4.90
C GLU A 71 -24.41 -5.75 3.47
N LEU A 72 -23.38 -6.04 2.69
CA LEU A 72 -23.59 -6.45 1.31
C LEU A 72 -22.66 -7.58 1.00
N MET A 73 -23.14 -8.52 0.21
CA MET A 73 -22.30 -9.62 -0.24
C MET A 73 -22.53 -9.87 -1.74
N TRP A 74 -21.42 -10.04 -2.46
CA TRP A 74 -21.41 -10.51 -3.87
C TRP A 74 -20.84 -11.91 -3.96
N ASN A 75 -21.49 -12.79 -4.71
CA ASN A 75 -20.83 -14.03 -5.13
C ASN A 75 -19.99 -13.74 -6.37
N PHE A 76 -19.29 -14.75 -6.87
CA PHE A 76 -18.34 -14.52 -7.99
C PHE A 76 -19.08 -14.20 -9.30
N ARG A 77 -20.26 -14.78 -9.49
CA ARG A 77 -21.02 -14.32 -10.66
C ARG A 77 -21.46 -12.86 -10.55
N GLU A 78 -21.94 -12.46 -9.38
CA GLU A 78 -22.38 -11.10 -9.16
C GLU A 78 -21.23 -10.13 -9.22
N LEU A 79 -20.08 -10.54 -8.68
CA LEU A 79 -18.91 -9.70 -8.72
C LEU A 79 -18.45 -9.45 -10.18
N SER A 80 -18.44 -10.50 -10.99
CA SER A 80 -18.10 -10.38 -12.39
C SER A 80 -19.08 -9.48 -13.17
N GLU A 81 -20.38 -9.69 -12.95
CA GLU A 81 -21.41 -8.87 -13.56
C GLU A 81 -21.32 -7.40 -13.21
N ASN A 82 -21.18 -7.12 -11.92
CA ASN A 82 -21.10 -5.75 -11.41
C ASN A 82 -19.80 -5.06 -11.81
N SER A 83 -18.70 -5.80 -11.92
CA SER A 83 -17.44 -5.21 -12.39
C SER A 83 -17.41 -4.99 -13.88
N GLN A 84 -18.10 -5.82 -14.61
CA GLN A 84 -18.39 -5.56 -16.04
C GLN A 84 -19.23 -4.32 -16.27
N GLN A 85 -20.23 -4.11 -15.44
CA GLN A 85 -20.89 -2.81 -15.39
C GLN A 85 -19.93 -1.66 -15.13
N ALA A 86 -19.05 -1.82 -14.12
CA ALA A 86 -18.02 -0.79 -13.83
C ALA A 86 -17.15 -0.50 -15.05
N ALA A 87 -16.66 -1.55 -15.70
CA ALA A 87 -15.90 -1.36 -16.95
C ALA A 87 -16.66 -0.65 -18.06
N ASN A 88 -17.96 -0.92 -18.17
CA ASN A 88 -18.83 -0.19 -19.09
C ASN A 88 -18.99 1.27 -18.70
N VAL A 89 -19.05 1.56 -17.40
CA VAL A 89 -19.10 2.97 -17.01
C VAL A 89 -17.83 3.68 -17.50
N LEU A 90 -16.68 3.09 -17.20
CA LEU A 90 -15.38 3.68 -17.48
C LEU A 90 -15.10 3.81 -18.98
N SER A 91 -15.35 2.73 -19.71
CA SER A 91 -15.01 2.73 -21.13
C SER A 91 -16.14 3.31 -22.00
N GLY A 92 -17.38 3.13 -21.57
CA GLY A 92 -18.54 3.47 -22.36
C GLY A 92 -19.01 4.87 -22.00
N ALA A 93 -19.69 5.00 -20.87
CA ALA A 93 -20.18 6.30 -20.44
C ALA A 93 -19.07 7.37 -20.36
N CYS A 94 -17.90 6.97 -19.87
CA CYS A 94 -16.84 7.94 -19.67
C CYS A 94 -15.90 8.01 -20.85
N GLY A 95 -16.02 7.12 -21.83
CA GLY A 95 -15.14 7.20 -22.99
C GLY A 95 -13.67 7.01 -22.75
N LEU A 96 -13.28 6.38 -21.63
CA LEU A 96 -11.86 6.16 -21.35
C LEU A 96 -11.35 5.03 -22.21
N GLN A 97 -10.13 5.20 -22.71
CA GLN A 97 -9.57 4.30 -23.69
C GLN A 97 -8.42 3.57 -23.10
N ARG A 98 -8.19 2.36 -23.61
CA ARG A 98 -7.07 1.52 -23.20
C ARG A 98 -5.78 2.34 -23.05
N GLY A 99 -5.17 2.25 -21.87
CA GLY A 99 -3.93 2.97 -21.56
C GLY A 99 -4.14 4.25 -20.78
N ASP A 100 -5.38 4.75 -20.75
CA ASP A 100 -5.71 5.94 -19.94
C ASP A 100 -5.50 5.62 -18.47
N ARG A 101 -5.00 6.62 -17.74
CA ARG A 101 -4.71 6.53 -16.32
C ARG A 101 -5.83 7.13 -15.48
N VAL A 102 -6.22 6.38 -14.46
CA VAL A 102 -7.36 6.70 -13.61
C VAL A 102 -6.92 6.72 -12.15
N ALA A 103 -6.92 7.93 -11.57
CA ALA A 103 -6.74 8.11 -10.14
C ALA A 103 -7.97 7.59 -9.40
N VAL A 104 -7.73 6.76 -8.38
CA VAL A 104 -8.78 6.21 -7.53
C VAL A 104 -8.48 6.58 -6.09
N VAL A 105 -9.36 7.37 -5.46
CA VAL A 105 -9.20 7.89 -4.11
C VAL A 105 -10.54 7.71 -3.35
N LEU A 106 -10.68 6.51 -2.80
CA LEU A 106 -11.91 6.07 -2.15
C LEU A 106 -11.71 5.47 -0.74
N PRO A 107 -12.73 5.58 0.13
CA PRO A 107 -12.74 4.86 1.38
C PRO A 107 -12.97 3.34 1.13
N ARG A 108 -13.10 2.59 2.23
CA ARG A 108 -13.27 1.15 2.17
C ARG A 108 -14.74 0.85 1.87
N VAL A 109 -15.12 1.10 0.62
CA VAL A 109 -16.48 0.82 0.10
C VAL A 109 -16.35 -0.15 -1.07
N PRO A 110 -17.42 -0.91 -1.37
CA PRO A 110 -17.36 -1.89 -2.44
C PRO A 110 -16.94 -1.34 -3.78
N GLU A 111 -17.21 -0.05 -4.05
CA GLU A 111 -16.94 0.54 -5.34
C GLU A 111 -15.45 0.61 -5.57
N TRP A 112 -14.63 0.54 -4.51
CA TRP A 112 -13.18 0.51 -4.74
C TRP A 112 -12.85 -0.78 -5.49
N TRP A 113 -13.35 -1.90 -5.00
CA TRP A 113 -13.09 -3.20 -5.59
C TRP A 113 -13.65 -3.28 -7.00
N LEU A 114 -14.88 -2.74 -7.20
CA LEU A 114 -15.54 -2.74 -8.51
C LEU A 114 -14.80 -1.91 -9.55
N VAL A 115 -14.37 -0.72 -9.15
CA VAL A 115 -13.68 0.21 -10.03
C VAL A 115 -12.29 -0.32 -10.42
N ILE A 116 -11.58 -0.95 -9.49
CA ILE A 116 -10.26 -1.50 -9.84
C ILE A 116 -10.46 -2.59 -10.85
N LEU A 117 -11.42 -3.48 -10.58
CA LEU A 117 -11.73 -4.57 -11.51
C LEU A 117 -12.13 -4.04 -12.84
N GLY A 118 -12.95 -2.98 -12.84
CA GLY A 118 -13.35 -2.27 -14.05
C GLY A 118 -12.20 -1.75 -14.89
N CYS A 119 -11.24 -1.11 -14.25
CA CYS A 119 -10.02 -0.68 -14.95
C CYS A 119 -9.29 -1.86 -15.55
N ILE A 120 -9.15 -2.94 -14.77
CA ILE A 120 -8.47 -4.14 -15.25
C ILE A 120 -9.13 -4.69 -16.53
N ARG A 121 -10.44 -4.85 -16.48
CA ARG A 121 -11.26 -5.23 -17.63
C ARG A 121 -11.12 -4.28 -18.85
N ALA A 122 -11.07 -2.98 -18.60
CA ALA A 122 -11.04 -1.99 -19.67
C ALA A 122 -9.65 -1.62 -20.09
N GLY A 123 -8.61 -2.29 -19.56
CA GLY A 123 -7.23 -1.99 -19.91
C GLY A 123 -6.84 -0.58 -19.51
N LEU A 124 -7.39 -0.12 -18.40
CA LEU A 124 -7.08 1.18 -17.83
C LEU A 124 -6.12 1.04 -16.63
N ILE A 125 -5.22 2.01 -16.52
CA ILE A 125 -4.19 2.02 -15.50
C ILE A 125 -4.79 2.69 -14.26
N PHE A 126 -5.02 1.90 -13.23
CA PHE A 126 -5.54 2.42 -11.97
C PHE A 126 -4.39 2.90 -11.10
N MET A 127 -4.65 3.99 -10.39
CA MET A 127 -3.65 4.67 -9.60
C MET A 127 -4.24 5.01 -8.23
N PRO A 128 -4.20 4.04 -7.29
CA PRO A 128 -4.83 4.28 -5.99
C PRO A 128 -4.13 5.30 -5.12
N GLY A 129 -4.88 6.08 -4.36
CA GLY A 129 -4.29 6.94 -3.34
C GLY A 129 -5.16 7.02 -2.13
N THR A 130 -4.61 7.56 -1.05
CA THR A 130 -5.31 7.64 0.21
C THR A 130 -6.28 8.81 0.23
N ILE A 131 -7.44 8.59 0.86
CA ILE A 131 -8.39 9.68 1.13
C ILE A 131 -7.89 10.71 2.14
N GLN A 132 -6.76 10.44 2.75
CA GLN A 132 -6.06 11.44 3.58
C GLN A 132 -5.40 12.56 2.79
N MET A 133 -5.29 12.43 1.47
CA MET A 133 -4.60 13.42 0.62
C MET A 133 -5.25 14.80 0.56
N LYS A 134 -4.39 15.81 0.60
CA LYS A 134 -4.79 17.21 0.51
C LYS A 134 -4.65 17.64 -0.94
N SER A 135 -5.15 18.82 -1.25
CA SER A 135 -5.24 19.27 -2.63
C SER A 135 -3.89 19.27 -3.36
N THR A 136 -2.83 19.67 -2.65
CA THR A 136 -1.48 19.71 -3.23
C THR A 136 -0.97 18.33 -3.58
N ASP A 137 -1.26 17.35 -2.72
CA ASP A 137 -0.92 15.93 -2.99
C ASP A 137 -1.61 15.45 -4.26
N ILE A 138 -2.89 15.79 -4.38
CA ILE A 138 -3.70 15.39 -5.52
C ILE A 138 -3.22 16.03 -6.85
N LEU A 139 -2.91 17.31 -6.81
CA LEU A 139 -2.46 18.04 -7.99
C LEU A 139 -1.12 17.49 -8.49
N TYR A 140 -0.22 17.21 -7.56
CA TYR A 140 1.06 16.60 -7.90
C TYR A 140 0.85 15.32 -8.67
N ARG A 141 -0.05 14.49 -8.19
CA ARG A 141 -0.27 13.18 -8.79
C ARG A 141 -0.99 13.25 -10.12
N LEU A 142 -2.01 14.09 -10.21
CA LEU A 142 -2.74 14.28 -11.46
C LEU A 142 -1.89 14.91 -12.57
N GLN A 143 -1.02 15.85 -12.20
CA GLN A 143 -0.15 16.49 -13.17
C GLN A 143 0.97 15.58 -13.61
N MET A 144 1.65 14.95 -12.66
CA MET A 144 2.70 13.98 -12.97
C MET A 144 2.26 12.83 -13.89
N SER A 145 1.13 12.25 -13.55
CA SER A 145 0.58 11.10 -14.26
C SER A 145 -0.13 11.50 -15.54
N LYS A 146 -0.50 12.78 -15.64
CA LYS A 146 -1.43 13.22 -16.66
C LYS A 146 -2.70 12.34 -16.72
N ALA A 147 -3.32 12.14 -15.56
CA ALA A 147 -4.51 11.31 -15.45
C ALA A 147 -5.64 11.91 -16.29
N LYS A 148 -6.37 11.04 -16.98
CA LYS A 148 -7.59 11.40 -17.71
C LYS A 148 -8.84 11.43 -16.79
N ALA A 149 -8.80 10.66 -15.71
CA ALA A 149 -9.97 10.47 -14.86
C ALA A 149 -9.57 10.44 -13.40
N ILE A 150 -10.51 10.81 -12.53
CA ILE A 150 -10.40 10.56 -11.11
C ILE A 150 -11.73 9.97 -10.63
N VAL A 151 -11.64 8.94 -9.78
CA VAL A 151 -12.76 8.38 -9.04
C VAL A 151 -12.54 8.67 -7.58
N ALA A 152 -13.48 9.41 -7.00
CA ALA A 152 -13.35 9.94 -5.68
C ALA A 152 -14.68 9.85 -4.94
N GLY A 153 -14.58 10.01 -3.62
CA GLY A 153 -15.73 10.04 -2.74
C GLY A 153 -15.83 11.40 -2.09
N ASP A 154 -16.72 11.50 -1.10
CA ASP A 154 -17.01 12.76 -0.43
C ASP A 154 -15.78 13.27 0.35
N GLU A 155 -14.87 12.38 0.71
CA GLU A 155 -13.71 12.77 1.51
C GLU A 155 -12.78 13.74 0.78
N VAL A 156 -12.63 13.59 -0.54
CA VAL A 156 -11.69 14.42 -1.31
C VAL A 156 -12.29 15.24 -2.45
N ILE A 157 -13.61 15.23 -2.65
CA ILE A 157 -14.19 15.98 -3.77
C ILE A 157 -13.74 17.44 -3.76
N GLN A 158 -13.69 18.03 -2.57
CA GLN A 158 -13.44 19.46 -2.41
C GLN A 158 -11.99 19.78 -2.72
N GLU A 159 -11.11 18.91 -2.23
CA GLU A 159 -9.68 19.00 -2.45
CA GLU A 159 -9.67 19.00 -2.47
C GLU A 159 -9.37 18.85 -3.95
N VAL A 160 -10.05 17.90 -4.61
CA VAL A 160 -9.92 17.71 -6.06
C VAL A 160 -10.37 18.96 -6.82
N ASP A 161 -11.55 19.48 -6.46
CA ASP A 161 -12.05 20.67 -7.12
C ASP A 161 -11.24 21.96 -6.93
N THR A 162 -10.51 22.05 -5.82
CA THR A 162 -9.56 23.14 -5.61
C THR A 162 -8.50 23.20 -6.69
N VAL A 163 -8.11 22.05 -7.24
CA VAL A 163 -6.96 21.98 -8.17
C VAL A 163 -7.27 21.42 -9.57
N ALA A 164 -8.47 20.89 -9.80
CA ALA A 164 -8.76 20.19 -11.06
C ALA A 164 -8.61 21.05 -12.32
N SER A 165 -8.83 22.37 -12.18
CA SER A 165 -8.71 23.32 -13.28
C SER A 165 -7.29 23.41 -13.80
N GLU A 166 -6.32 23.14 -12.92
CA GLU A 166 -4.90 23.15 -13.27
C GLU A 166 -4.41 21.83 -13.89
N CYS A 167 -5.32 20.90 -14.13
CA CYS A 167 -4.99 19.56 -14.64
C CYS A 167 -5.60 19.41 -16.02
N PRO A 168 -4.89 19.92 -17.03
CA PRO A 168 -5.42 19.96 -18.38
C PRO A 168 -5.77 18.58 -18.96
N SER A 169 -5.05 17.54 -18.54
CA SER A 169 -5.35 16.18 -19.00
C SER A 169 -6.64 15.59 -18.39
N LEU A 170 -7.01 16.05 -17.20
CA LEU A 170 -8.17 15.53 -16.47
C LEU A 170 -9.51 15.87 -17.15
N ARG A 171 -10.18 14.84 -17.66
CA ARG A 171 -11.44 14.98 -18.38
C ARG A 171 -12.65 14.43 -17.64
N ILE A 172 -12.47 13.38 -16.84
CA ILE A 172 -13.58 12.71 -16.17
C ILE A 172 -13.41 12.77 -14.66
N LYS A 173 -14.44 13.25 -13.97
CA LYS A 173 -14.54 13.20 -12.53
C LYS A 173 -15.75 12.36 -12.21
N LEU A 174 -15.49 11.18 -11.64
CA LEU A 174 -16.55 10.28 -11.21
C LEU A 174 -16.61 10.26 -9.70
N LEU A 175 -17.79 10.55 -9.15
CA LEU A 175 -17.99 10.63 -7.72
C LEU A 175 -18.81 9.43 -7.26
N VAL A 176 -18.30 8.81 -6.20
CA VAL A 176 -18.96 7.72 -5.47
C VAL A 176 -19.50 8.33 -4.20
N SER A 177 -20.81 8.46 -4.16
CA SER A 177 -21.49 9.21 -3.10
C SER A 177 -22.99 8.98 -3.18
N GLU A 178 -23.66 9.22 -2.06
CA GLU A 178 -25.12 9.41 -2.05
C GLU A 178 -25.59 10.77 -2.59
N LYS A 179 -24.68 11.74 -2.58
CA LYS A 179 -24.90 13.08 -3.13
C LYS A 179 -24.49 13.17 -4.60
N SER A 180 -25.10 14.10 -5.31
CA SER A 180 -24.64 14.49 -6.63
C SER A 180 -23.87 15.81 -6.46
N CYS A 181 -22.98 16.10 -7.41
CA CYS A 181 -22.19 17.34 -7.39
CA CYS A 181 -22.21 17.33 -7.39
C CYS A 181 -21.96 17.79 -8.82
N ASP A 182 -22.21 19.08 -9.07
CA ASP A 182 -22.05 19.65 -10.40
C ASP A 182 -20.59 19.47 -10.82
N GLY A 183 -20.40 19.01 -12.05
CA GLY A 183 -19.05 18.71 -12.56
C GLY A 183 -18.62 17.25 -12.43
N TRP A 184 -19.20 16.51 -11.49
CA TRP A 184 -18.88 15.09 -11.26
C TRP A 184 -19.96 14.17 -11.79
N LEU A 185 -19.55 13.09 -12.45
CA LEU A 185 -20.50 12.08 -12.88
C LEU A 185 -20.87 11.19 -11.69
N ASN A 186 -22.11 10.71 -11.68
CA ASN A 186 -22.63 9.93 -10.57
C ASN A 186 -22.33 8.45 -10.83
N PHE A 187 -21.21 7.99 -10.26
CA PHE A 187 -20.75 6.63 -10.50
C PHE A 187 -21.84 5.58 -10.20
N LYS A 188 -22.45 5.67 -9.02
CA LYS A 188 -23.41 4.65 -8.57
C LYS A 188 -24.61 4.58 -9.52
N LYS A 189 -25.04 5.73 -10.05
CA LYS A 189 -26.20 5.76 -10.97
C LYS A 189 -25.82 5.17 -12.32
N LEU A 190 -24.63 5.53 -12.82
CA LEU A 190 -24.16 5.02 -14.11
C LEU A 190 -23.93 3.50 -14.06
N LEU A 191 -23.42 3.01 -12.94
CA LEU A 191 -23.18 1.57 -12.79
C LEU A 191 -24.47 0.76 -12.93
N ASN A 192 -25.52 1.22 -12.27
CA ASN A 192 -26.82 0.56 -12.36
C ASN A 192 -27.44 0.60 -13.73
N GLU A 193 -27.18 1.69 -14.46
CA GLU A 193 -27.65 1.83 -15.83
C GLU A 193 -26.84 0.99 -16.83
N ALA A 194 -25.66 0.53 -16.44
CA ALA A 194 -24.74 -0.09 -17.36
C ALA A 194 -25.04 -1.58 -17.58
N SER A 195 -24.59 -2.07 -18.71
CA SER A 195 -24.72 -3.47 -19.05
C SER A 195 -23.84 -4.35 -18.18
N THR A 196 -24.33 -5.53 -17.84
CA THR A 196 -23.53 -6.49 -17.11
C THR A 196 -22.60 -7.30 -18.01
N THR A 197 -22.59 -6.98 -19.31
CA THR A 197 -21.65 -7.60 -20.31
C THR A 197 -20.62 -6.58 -20.82
N HIS A 198 -19.34 -6.89 -20.60
CA HIS A 198 -18.21 -6.11 -21.10
C HIS A 198 -17.23 -7.13 -21.57
N HIS A 199 -16.65 -6.92 -22.74
CA HIS A 199 -15.65 -7.84 -23.29
C HIS A 199 -14.27 -7.43 -22.80
N CYS A 200 -13.68 -8.29 -21.99
CA CYS A 200 -12.41 -7.98 -21.34
C CYS A 200 -11.34 -7.70 -22.43
N VAL A 201 -10.64 -6.58 -22.28
CA VAL A 201 -9.47 -6.28 -23.11
C VAL A 201 -8.43 -7.37 -22.98
N GLU A 202 -7.82 -7.68 -24.12
CA GLU A 202 -6.82 -8.71 -24.23
C GLU A 202 -5.49 -8.09 -23.90
N THR A 203 -5.29 -7.81 -22.62
CA THR A 203 -4.13 -7.09 -22.11
C THR A 203 -2.90 -7.98 -22.11
N GLY A 204 -1.78 -7.37 -22.48
CA GLY A 204 -0.48 -7.99 -22.43
C GLY A 204 0.08 -8.15 -21.03
N SER A 205 0.84 -9.22 -20.84
CA SER A 205 1.54 -9.51 -19.56
C SER A 205 2.39 -8.36 -19.02
N GLN A 206 3.03 -7.61 -19.91
CA GLN A 206 3.94 -6.53 -19.55
C GLN A 206 3.29 -5.17 -19.67
N GLU A 207 2.03 -5.12 -20.08
CA GLU A 207 1.35 -3.85 -20.31
C GLU A 207 1.05 -3.20 -18.94
N ALA A 208 1.13 -1.89 -18.86
CA ALA A 208 0.90 -1.18 -17.60
C ALA A 208 -0.52 -1.43 -17.06
N SER A 209 -0.64 -1.86 -15.81
CA SER A 209 -1.97 -2.03 -15.18
C SER A 209 -2.26 -1.02 -14.02
N ALA A 210 -1.23 -0.69 -13.25
CA ALA A 210 -1.33 0.17 -12.08
C ALA A 210 -0.12 1.06 -11.96
N ILE A 211 -0.35 2.25 -11.41
CA ILE A 211 0.73 3.14 -10.99
C ILE A 211 0.47 3.46 -9.53
N TYR A 212 1.48 3.15 -8.71
CA TYR A 212 1.47 3.49 -7.31
C TYR A 212 2.55 4.54 -7.10
N PHE A 213 2.17 5.65 -6.48
CA PHE A 213 3.13 6.70 -6.12
C PHE A 213 3.84 6.22 -4.89
N THR A 214 5.16 6.30 -4.92
CA THR A 214 5.95 5.79 -3.83
C THR A 214 7.06 6.77 -3.43
N SER A 215 7.17 7.01 -2.14
CA SER A 215 8.09 8.01 -1.61
C SER A 215 9.54 7.59 -1.77
N GLY A 216 10.38 8.60 -1.93
CA GLY A 216 11.81 8.39 -2.09
C GLY A 216 12.59 8.93 -0.93
N THR A 217 13.84 8.53 -0.89
CA THR A 217 14.77 8.95 0.10
C THR A 217 15.04 10.47 0.03
N SER A 218 14.94 11.03 -1.18
CA SER A 218 14.86 12.48 -1.38
C SER A 218 13.90 12.82 -2.52
N GLY A 219 13.45 14.06 -2.55
CA GLY A 219 12.47 14.46 -3.53
C GLY A 219 11.09 13.91 -3.25
N LEU A 220 10.24 14.07 -4.26
CA LEU A 220 8.82 13.81 -4.14
C LEU A 220 8.50 12.44 -4.77
N PRO A 221 7.29 11.89 -4.47
CA PRO A 221 6.98 10.50 -4.86
C PRO A 221 7.10 10.19 -6.35
N LYS A 222 7.64 9.01 -6.62
CA LYS A 222 7.86 8.49 -7.95
C LYS A 222 6.68 7.62 -8.34
N MET A 223 6.50 7.44 -9.64
CA MET A 223 5.44 6.56 -10.15
C MET A 223 5.95 5.16 -10.41
N ALA A 224 5.58 4.21 -9.55
CA ALA A 224 5.98 2.84 -9.72
C ALA A 224 4.92 2.14 -10.57
N GLU A 225 5.31 1.78 -11.79
CA GLU A 225 4.43 1.08 -12.69
C GLU A 225 4.46 -0.44 -12.51
N HIS A 226 3.27 -1.03 -12.32
CA HIS A 226 3.08 -2.49 -12.34
C HIS A 226 2.32 -2.94 -13.58
N SER A 227 2.62 -4.15 -14.00
CA SER A 227 2.02 -4.76 -15.18
C SER A 227 0.87 -5.69 -14.79
N TYR A 228 0.07 -6.13 -15.77
CA TYR A 228 -0.94 -7.17 -15.55
C TYR A 228 -0.39 -8.42 -14.86
N SER A 229 0.81 -8.83 -15.25
CA SER A 229 1.43 -9.99 -14.67
C SER A 229 2.18 -9.75 -13.35
N SER A 230 2.83 -8.60 -13.15
CA SER A 230 3.62 -8.36 -11.92
C SER A 230 2.74 -8.28 -10.70
N LEU A 231 1.46 -7.92 -10.92
CA LEU A 231 0.48 -7.97 -9.85
C LEU A 231 -0.31 -9.25 -9.87
N GLY A 232 -1.08 -9.49 -10.92
CA GLY A 232 -2.03 -10.58 -10.92
C GLY A 232 -1.46 -11.97 -11.14
N LEU A 233 -0.44 -12.11 -11.99
CA LEU A 233 0.16 -13.43 -12.18
C LEU A 233 1.03 -13.80 -10.97
N LYS A 234 1.75 -12.83 -10.45
CA LYS A 234 2.47 -12.99 -9.18
C LYS A 234 1.54 -13.40 -8.05
N ALA A 235 0.38 -12.75 -7.91
CA ALA A 235 -0.59 -13.13 -6.88
C ALA A 235 -1.13 -14.57 -7.10
N LYS A 236 -1.39 -14.91 -8.35
CA LYS A 236 -1.87 -16.25 -8.72
C LYS A 236 -0.83 -17.28 -8.31
N MET A 237 0.44 -16.96 -8.51
CA MET A 237 1.52 -17.86 -8.11
C MET A 237 1.73 -17.92 -6.60
N ASP A 238 1.53 -16.82 -5.87
CA ASP A 238 1.63 -16.85 -4.40
C ASP A 238 0.36 -17.37 -3.67
N ALA A 239 -0.73 -17.58 -4.42
CA ALA A 239 -2.07 -17.77 -3.84
C ALA A 239 -1.99 -18.81 -2.75
N GLY A 240 -2.37 -18.43 -1.55
CA GLY A 240 -2.44 -19.33 -0.42
C GLY A 240 -1.32 -19.14 0.56
N TRP A 241 -0.39 -18.24 0.27
CA TRP A 241 0.75 -17.96 1.16
C TRP A 241 0.31 -17.62 2.57
N THR A 242 -0.87 -17.00 2.65
CA THR A 242 -1.45 -16.55 3.91
C THR A 242 -2.02 -17.66 4.76
N GLY A 243 -2.19 -18.85 4.19
CA GLY A 243 -2.88 -19.93 4.87
C GLY A 243 -4.33 -20.02 4.42
N LEU A 244 -4.78 -19.02 3.66
CA LEU A 244 -6.14 -18.97 3.18
C LEU A 244 -6.47 -20.10 2.20
N GLN A 245 -7.67 -20.66 2.34
CA GLN A 245 -8.20 -21.64 1.36
C GLN A 245 -9.51 -21.20 0.70
N ALA A 246 -9.95 -21.98 -0.31
CA ALA A 246 -11.04 -21.65 -1.22
C ALA A 246 -12.33 -21.30 -0.51
N SER A 247 -12.63 -21.97 0.58
CA SER A 247 -13.91 -21.74 1.26
C SER A 247 -13.77 -20.91 2.52
N ASP A 248 -12.73 -20.09 2.62
CA ASP A 248 -12.49 -19.26 3.81
C ASP A 248 -12.77 -17.80 3.48
N ILE A 249 -12.72 -16.98 4.53
CA ILE A 249 -12.89 -15.55 4.51
C ILE A 249 -11.60 -14.89 5.07
N MET A 250 -11.10 -13.93 4.32
CA MET A 250 -9.94 -13.12 4.75
C MET A 250 -10.33 -11.70 4.94
N TRP A 251 -9.84 -11.14 6.01
CA TRP A 251 -9.97 -9.70 6.30
C TRP A 251 -8.56 -9.05 6.23
N THR A 252 -8.28 -8.30 5.17
CA THR A 252 -7.10 -7.47 5.13
C THR A 252 -7.54 -6.07 5.60
N ILE A 253 -6.87 -5.55 6.64
CA ILE A 253 -7.14 -4.23 7.21
C ILE A 253 -6.12 -3.27 6.63
N SER A 254 -6.57 -2.39 5.71
CA SER A 254 -5.67 -1.55 4.92
C SER A 254 -6.38 -0.28 4.45
N ASP A 255 -5.63 0.80 4.34
CA ASP A 255 -5.95 1.93 3.48
C ASP A 255 -6.02 1.39 2.03
N THR A 256 -7.07 1.77 1.33
CA THR A 256 -7.26 1.38 -0.07
C THR A 256 -6.18 1.91 -1.03
N GLY A 257 -5.41 2.94 -0.64
CA GLY A 257 -4.31 3.45 -1.46
C GLY A 257 -3.04 2.61 -1.46
N TRP A 258 -2.89 1.76 -0.47
CA TRP A 258 -1.68 0.91 -0.34
C TRP A 258 -1.70 -0.27 -1.26
N ILE A 259 -0.54 -0.67 -1.78
CA ILE A 259 -0.48 -1.82 -2.65
C ILE A 259 -0.91 -3.11 -1.92
N LEU A 260 -0.76 -3.12 -0.61
CA LEU A 260 -1.34 -4.17 0.25
C LEU A 260 -2.79 -4.46 -0.03
N ASN A 261 -3.57 -3.41 -0.27
CA ASN A 261 -4.97 -3.64 -0.60
C ASN A 261 -5.17 -4.44 -1.88
N ILE A 262 -4.43 -4.15 -2.95
CA ILE A 262 -4.63 -4.90 -4.18
C ILE A 262 -4.11 -6.37 -4.06
N LEU A 263 -2.97 -6.55 -3.38
CA LEU A 263 -2.34 -7.85 -3.32
C LEU A 263 -3.03 -8.78 -2.34
N CYS A 264 -3.49 -8.26 -1.21
CA CYS A 264 -4.04 -9.14 -0.18
CA CYS A 264 -4.02 -9.10 -0.15
C CYS A 264 -5.54 -9.04 0.02
N SER A 265 -6.12 -7.87 -0.18
CA SER A 265 -7.57 -7.76 -0.02
C SER A 265 -8.27 -8.24 -1.29
N LEU A 266 -7.60 -8.09 -2.41
CA LEU A 266 -8.24 -8.42 -3.65
C LEU A 266 -7.68 -9.70 -4.26
N MET A 267 -6.42 -9.69 -4.63
CA MET A 267 -5.89 -10.76 -5.47
C MET A 267 -5.63 -12.05 -4.73
N GLU A 268 -5.13 -12.01 -3.48
CA GLU A 268 -4.91 -13.28 -2.75
C GLU A 268 -6.23 -14.06 -2.60
N PRO A 269 -7.30 -13.47 -1.99
CA PRO A 269 -8.52 -14.28 -1.88
C PRO A 269 -9.14 -14.69 -3.19
N TRP A 270 -9.14 -13.82 -4.22
CA TRP A 270 -9.81 -14.14 -5.47
C TRP A 270 -9.02 -15.09 -6.34
N ALA A 271 -7.71 -15.13 -6.19
CA ALA A 271 -6.94 -16.18 -6.87
C ALA A 271 -7.38 -17.56 -6.39
N LEU A 272 -7.77 -17.66 -5.11
CA LEU A 272 -8.22 -18.92 -4.50
C LEU A 272 -9.74 -19.22 -4.60
N GLY A 273 -10.53 -18.26 -5.07
CA GLY A 273 -12.00 -18.35 -4.98
C GLY A 273 -12.57 -18.18 -3.57
N ALA A 274 -11.75 -17.61 -2.68
CA ALA A 274 -12.14 -17.27 -1.31
C ALA A 274 -12.85 -15.90 -1.26
N CYS A 275 -13.46 -15.62 -0.12
CA CYS A 275 -14.14 -14.37 0.16
C CYS A 275 -13.22 -13.38 0.81
N THR A 276 -13.29 -12.14 0.34
CA THR A 276 -12.63 -11.06 1.00
C THR A 276 -13.66 -10.23 1.80
N PHE A 277 -13.28 -9.92 3.03
CA PHE A 277 -14.14 -9.23 4.01
C PHE A 277 -13.64 -7.79 4.12
N VAL A 278 -14.57 -6.84 4.01
CA VAL A 278 -14.27 -5.41 4.08
C VAL A 278 -15.22 -4.77 5.09
N HIS A 279 -14.63 -4.10 6.07
CA HIS A 279 -15.32 -3.27 7.05
C HIS A 279 -14.94 -1.81 6.68
N LEU A 280 -15.94 -0.97 6.56
CA LEU A 280 -15.76 0.45 6.26
C LEU A 280 -14.71 1.05 7.19
N LEU A 281 -14.84 0.69 8.48
CA LEU A 281 -13.92 1.07 9.52
C LEU A 281 -13.59 2.57 9.46
N PRO A 282 -14.65 3.42 9.49
CA PRO A 282 -14.46 4.85 9.27
C PRO A 282 -13.52 5.53 10.25
N LYS A 283 -13.56 5.08 11.50
CA LYS A 283 -12.60 5.46 12.52
C LYS A 283 -11.86 4.16 12.79
N PHE A 284 -10.56 4.23 12.90
CA PHE A 284 -9.79 3.02 13.01
C PHE A 284 -9.88 2.59 14.48
N ASP A 285 -11.03 2.03 14.85
CA ASP A 285 -11.34 1.77 16.26
C ASP A 285 -11.02 0.30 16.58
N PRO A 286 -10.05 0.06 17.49
CA PRO A 286 -9.66 -1.33 17.79
C PRO A 286 -10.74 -2.16 18.47
N LEU A 287 -11.63 -1.53 19.23
CA LEU A 287 -12.78 -2.24 19.77
C LEU A 287 -13.73 -2.71 18.65
N VAL A 288 -13.90 -1.88 17.61
CA VAL A 288 -14.67 -2.28 16.45
C VAL A 288 -13.99 -3.46 15.74
N ILE A 289 -12.67 -3.39 15.60
CA ILE A 289 -11.95 -4.51 14.94
C ILE A 289 -12.18 -5.84 15.71
N LEU A 290 -12.06 -5.75 17.04
CA LEU A 290 -12.24 -6.88 17.96
C LEU A 290 -13.65 -7.44 17.92
N LYS A 291 -14.65 -6.59 17.99
CA LYS A 291 -16.03 -7.08 17.86
C LYS A 291 -16.31 -7.75 16.48
N THR A 292 -15.70 -7.20 15.43
CA THR A 292 -15.79 -7.77 14.10
C THR A 292 -15.17 -9.16 14.02
N LEU A 293 -13.93 -9.32 14.49
CA LEU A 293 -13.28 -10.64 14.61
C LEU A 293 -14.10 -11.65 15.39
N SER A 294 -14.75 -11.19 16.44
CA SER A 294 -15.52 -12.05 17.28
C SER A 294 -16.88 -12.44 16.64
N SER A 295 -17.47 -11.56 15.85
CA SER A 295 -18.83 -11.73 15.33
C SER A 295 -18.96 -12.31 13.92
N TYR A 296 -17.89 -12.25 13.13
CA TYR A 296 -17.89 -12.79 11.80
C TYR A 296 -16.86 -13.92 11.65
N PRO A 297 -17.18 -14.96 10.83
CA PRO A 297 -16.26 -16.09 10.76
C PRO A 297 -15.00 -15.87 9.86
N ILE A 298 -14.19 -14.88 10.26
CA ILE A 298 -12.95 -14.51 9.59
C ILE A 298 -11.92 -15.58 10.00
N LYS A 299 -11.40 -16.28 9.03
CA LYS A 299 -10.42 -17.32 9.26
C LYS A 299 -9.00 -16.81 9.13
N SER A 300 -8.80 -15.79 8.30
CA SER A 300 -7.47 -15.19 8.14
C SER A 300 -7.58 -13.67 8.21
N MET A 301 -6.56 -13.06 8.80
CA MET A 301 -6.43 -11.61 8.85
C MET A 301 -4.99 -11.17 8.57
N MET A 302 -4.95 -9.96 8.03
CA MET A 302 -3.76 -9.28 7.63
C MET A 302 -3.92 -7.83 8.03
N GLY A 303 -2.91 -7.35 8.73
CA GLY A 303 -2.81 -5.95 9.08
C GLY A 303 -1.39 -5.66 9.48
N ALA A 304 -1.06 -4.39 9.54
CA ALA A 304 0.23 -3.92 9.97
C ALA A 304 0.34 -4.19 11.46
N PRO A 305 1.56 -4.29 11.97
CA PRO A 305 1.78 -4.56 13.41
C PRO A 305 0.98 -3.71 14.39
N ILE A 306 0.77 -2.44 14.06
CA ILE A 306 -0.05 -1.55 14.89
C ILE A 306 -1.47 -2.10 15.16
N VAL A 307 -2.03 -2.78 14.18
CA VAL A 307 -3.37 -3.39 14.35
C VAL A 307 -3.33 -4.37 15.54
N TYR A 308 -2.32 -5.22 15.55
CA TYR A 308 -2.18 -6.22 16.62
C TYR A 308 -1.81 -5.58 17.96
N ARG A 309 -0.99 -4.54 17.89
CA ARG A 309 -0.63 -3.79 19.08
C ARG A 309 -1.86 -3.14 19.73
N MET A 310 -2.67 -2.50 18.91
CA MET A 310 -3.94 -1.89 19.35
C MET A 310 -4.91 -2.92 19.92
N LEU A 311 -5.04 -4.06 19.25
CA LEU A 311 -5.92 -5.12 19.72
C LEU A 311 -5.51 -5.67 21.08
N LEU A 312 -4.19 -5.71 21.30
CA LEU A 312 -3.66 -6.21 22.57
C LEU A 312 -3.98 -5.29 23.79
N GLN A 313 -4.27 -4.03 23.52
CA GLN A 313 -4.69 -3.10 24.56
C GLN A 313 -6.19 -3.23 24.86
N GLN A 314 -6.92 -4.03 24.09
CA GLN A 314 -8.35 -4.28 24.34
C GLN A 314 -8.48 -5.52 25.21
N ASP A 315 -9.73 -5.79 25.63
CA ASP A 315 -10.09 -6.96 26.45
C ASP A 315 -10.37 -8.18 25.58
N LEU A 316 -9.32 -8.91 25.24
CA LEU A 316 -9.46 -10.07 24.36
C LEU A 316 -10.23 -11.21 25.05
N SER A 317 -10.25 -11.21 26.37
CA SER A 317 -11.06 -12.22 27.10
C SER A 317 -12.55 -12.12 26.79
N SER A 318 -13.00 -10.91 26.47
CA SER A 318 -14.43 -10.67 26.25
C SER A 318 -14.93 -10.94 24.85
N TYR A 319 -14.02 -10.95 23.89
CA TYR A 319 -14.40 -11.09 22.48
C TYR A 319 -13.52 -12.15 21.84
N LYS A 320 -13.90 -13.40 22.04
CA LYS A 320 -13.15 -14.55 21.53
C LYS A 320 -13.42 -14.76 20.05
N PHE A 321 -12.44 -15.34 19.37
CA PHE A 321 -12.56 -15.62 17.95
C PHE A 321 -11.91 -16.95 17.63
N PRO A 322 -12.53 -18.04 18.08
CA PRO A 322 -11.94 -19.36 17.86
C PRO A 322 -11.89 -19.80 16.40
N HIS A 323 -12.71 -19.22 15.55
CA HIS A 323 -12.65 -19.44 14.09
C HIS A 323 -11.41 -18.87 13.39
N LEU A 324 -10.83 -17.80 13.96
CA LEU A 324 -9.58 -17.24 13.42
C LEU A 324 -8.39 -18.21 13.54
N GLN A 325 -7.73 -18.48 12.41
CA GLN A 325 -6.62 -19.40 12.36
C GLN A 325 -5.32 -18.76 11.90
N ASN A 326 -5.38 -17.81 10.96
CA ASN A 326 -4.20 -17.22 10.33
C ASN A 326 -4.12 -15.73 10.54
N CYS A 327 -3.01 -15.30 11.11
CA CYS A 327 -2.76 -13.90 11.40
C CYS A 327 -1.44 -13.57 10.75
N VAL A 328 -1.52 -12.71 9.75
CA VAL A 328 -0.33 -12.29 9.05
C VAL A 328 -0.17 -10.79 9.23
N THR A 329 1.07 -10.35 9.05
CA THR A 329 1.45 -8.94 9.18
C THR A 329 2.51 -8.58 8.13
N VAL A 330 2.56 -7.29 7.84
CA VAL A 330 3.50 -6.65 6.91
C VAL A 330 3.65 -5.15 7.27
N GLY A 331 4.72 -4.50 6.79
CA GLY A 331 4.76 -3.02 6.75
C GLY A 331 5.70 -2.35 7.73
N GLU A 332 5.95 -3.05 8.83
CA GLU A 332 6.83 -2.63 9.92
C GLU A 332 7.28 -3.91 10.62
N SER A 333 8.46 -3.90 11.22
CA SER A 333 8.98 -5.12 11.81
C SER A 333 8.12 -5.49 12.99
N LEU A 334 7.85 -6.78 13.14
CA LEU A 334 7.02 -7.26 14.21
C LEU A 334 7.93 -7.49 15.43
N LEU A 335 7.65 -6.77 16.51
CA LEU A 335 8.35 -6.98 17.77
C LEU A 335 8.09 -8.39 18.29
N PRO A 336 9.14 -9.08 18.73
CA PRO A 336 8.99 -10.36 19.42
C PRO A 336 8.03 -10.26 20.61
N GLU A 337 7.97 -9.09 21.24
CA GLU A 337 7.00 -8.85 22.32
C GLU A 337 5.53 -8.90 21.86
N THR A 338 5.25 -8.33 20.69
CA THR A 338 3.88 -8.33 20.14
C THR A 338 3.53 -9.77 19.83
N LEU A 339 4.47 -10.48 19.18
CA LEU A 339 4.31 -11.87 18.79
C LEU A 339 3.96 -12.72 20.03
N GLU A 340 4.76 -12.52 21.10
CA GLU A 340 4.63 -13.20 22.38
CA GLU A 340 4.57 -13.28 22.34
C GLU A 340 3.28 -12.95 23.05
N ASN A 341 2.95 -11.68 23.18
CA ASN A 341 1.71 -11.28 23.78
C ASN A 341 0.48 -11.84 23.03
N TRP A 342 0.53 -11.76 21.69
CA TRP A 342 -0.56 -12.28 20.88
C TRP A 342 -0.75 -13.75 21.08
N ARG A 343 0.37 -14.49 21.13
CA ARG A 343 0.30 -15.95 21.33
C ARG A 343 -0.29 -16.26 22.72
N ALA A 344 0.14 -15.48 23.70
CA ALA A 344 -0.33 -15.63 25.09
C ALA A 344 -1.83 -15.35 25.26
N GLN A 345 -2.33 -14.31 24.61
CA GLN A 345 -3.72 -13.90 24.74
C GLN A 345 -4.70 -14.63 23.82
N THR A 346 -4.20 -15.14 22.67
CA THR A 346 -5.10 -15.75 21.65
C THR A 346 -4.75 -17.18 21.29
N GLY A 347 -3.53 -17.62 21.62
CA GLY A 347 -3.06 -18.94 21.19
C GLY A 347 -2.58 -18.97 19.73
N LEU A 348 -2.59 -17.83 19.06
CA LEU A 348 -2.24 -17.79 17.62
C LEU A 348 -0.87 -17.18 17.40
N ASP A 349 -0.23 -17.64 16.33
CA ASP A 349 0.96 -17.01 15.79
C ASP A 349 0.60 -15.80 14.96
N ILE A 350 1.54 -14.90 14.87
CA ILE A 350 1.52 -13.88 13.85
C ILE A 350 2.65 -14.24 12.88
N ARG A 351 2.33 -14.37 11.60
CA ARG A 351 3.33 -14.66 10.58
C ARG A 351 3.66 -13.42 9.79
N GLU A 352 4.92 -13.03 9.91
CA GLU A 352 5.39 -11.84 9.30
C GLU A 352 5.67 -12.04 7.78
N SER A 353 5.45 -10.98 7.02
CA SER A 353 5.84 -10.90 5.63
C SER A 353 6.53 -9.56 5.42
N TYR A 354 7.14 -9.39 4.26
CA TYR A 354 7.97 -8.24 3.97
C TYR A 354 7.85 -7.93 2.47
N GLY A 355 7.79 -6.67 2.12
CA GLY A 355 7.81 -6.28 0.70
C GLY A 355 7.84 -4.79 0.56
N GLN A 356 7.91 -4.30 -0.67
CA GLN A 356 7.76 -2.88 -0.91
C GLN A 356 6.91 -2.74 -2.17
N THR A 357 6.52 -1.52 -2.50
CA THR A 357 5.70 -1.24 -3.66
C THR A 357 6.26 -1.80 -4.94
N GLU A 358 7.58 -1.65 -5.12
CA GLU A 358 8.25 -2.06 -6.36
C GLU A 358 8.30 -3.58 -6.54
N THR A 359 8.21 -4.32 -5.43
CA THR A 359 8.52 -5.76 -5.42
C THR A 359 7.40 -6.65 -4.97
N GLY A 360 6.33 -6.07 -4.43
CA GLY A 360 5.29 -6.86 -3.84
C GLY A 360 5.81 -7.74 -2.71
N LEU A 361 5.21 -8.91 -2.56
CA LEU A 361 5.58 -9.85 -1.51
C LEU A 361 6.96 -10.41 -1.80
N THR A 362 7.92 -10.11 -0.91
CA THR A 362 9.34 -10.39 -1.16
C THR A 362 9.83 -11.51 -0.25
N CYS A 363 9.47 -11.45 1.04
CA CYS A 363 9.77 -12.54 1.98
C CYS A 363 8.57 -12.78 2.84
N MET A 364 8.47 -13.97 3.40
CA MET A 364 7.45 -14.24 4.36
C MET A 364 7.66 -15.54 5.11
N VAL A 365 6.97 -15.63 6.25
CA VAL A 365 6.85 -16.90 6.99
C VAL A 365 5.56 -17.54 6.55
N SER A 366 5.65 -18.66 5.84
CA SER A 366 4.47 -19.39 5.38
C SER A 366 3.87 -20.25 6.52
N LYS A 367 2.67 -20.75 6.26
CA LYS A 367 1.90 -21.47 7.27
C LYS A 367 2.64 -22.73 7.75
N THR A 368 3.56 -23.26 6.96
CA THR A 368 4.28 -24.48 7.37
C THR A 368 5.71 -24.28 7.87
N MET A 369 6.12 -23.02 8.04
CA MET A 369 7.46 -22.69 8.41
C MET A 369 7.52 -22.48 9.90
N LYS A 370 8.62 -22.85 10.53
CA LYS A 370 8.83 -22.50 11.93
C LYS A 370 8.92 -20.98 12.02
N ILE A 371 8.30 -20.40 13.04
CA ILE A 371 8.45 -18.97 13.28
C ILE A 371 9.68 -18.77 14.14
N LYS A 372 10.56 -17.87 13.69
CA LYS A 372 11.66 -17.40 14.47
C LYS A 372 11.37 -15.94 14.81
N PRO A 373 11.06 -15.67 16.08
CA PRO A 373 10.82 -14.30 16.51
C PRO A 373 11.93 -13.33 16.07
N GLY A 374 11.54 -12.19 15.50
CA GLY A 374 12.53 -11.19 15.04
C GLY A 374 12.96 -11.34 13.58
N TYR A 375 12.53 -12.45 12.94
CA TYR A 375 12.80 -12.69 11.52
C TYR A 375 11.52 -12.66 10.73
N MET A 376 11.65 -12.24 9.48
CA MET A 376 10.51 -12.03 8.63
CA MET A 376 10.57 -11.97 8.56
C MET A 376 10.33 -13.09 7.54
N GLY A 377 11.05 -14.20 7.69
CA GLY A 377 10.91 -15.36 6.84
C GLY A 377 11.93 -15.44 5.73
N THR A 378 11.53 -16.15 4.69
CA THR A 378 12.43 -16.53 3.61
C THR A 378 11.88 -16.02 2.36
N ALA A 379 12.69 -16.08 1.30
CA ALA A 379 12.34 -15.50 0.02
C ALA A 379 11.02 -16.05 -0.50
N ALA A 380 10.21 -15.15 -1.03
CA ALA A 380 8.91 -15.46 -1.59
C ALA A 380 9.10 -15.95 -2.98
N SER A 381 8.07 -16.65 -3.46
CA SER A 381 7.84 -16.93 -4.87
C SER A 381 9.08 -17.46 -5.59
N CYS A 382 9.46 -16.82 -6.66
CA CYS A 382 10.67 -17.26 -7.33
C CYS A 382 11.84 -16.30 -7.06
N TYR A 383 11.69 -15.40 -6.08
CA TYR A 383 12.73 -14.41 -5.79
C TYR A 383 14.00 -15.04 -5.20
N ASP A 384 15.13 -14.63 -5.77
CA ASP A 384 16.44 -14.88 -5.19
C ASP A 384 16.79 -13.62 -4.41
N VAL A 385 16.48 -13.67 -3.10
CA VAL A 385 16.70 -12.57 -2.19
C VAL A 385 18.00 -12.83 -1.45
N GLN A 386 18.87 -11.84 -1.43
CA GLN A 386 20.16 -11.99 -0.76
C GLN A 386 20.54 -10.74 0.02
N ILE A 387 21.52 -10.89 0.89
CA ILE A 387 22.21 -9.76 1.52
C ILE A 387 23.43 -9.52 0.65
N ILE A 388 23.60 -8.29 0.21
CA ILE A 388 24.69 -8.00 -0.70
C ILE A 388 25.59 -6.87 -0.22
N ASP A 389 26.81 -6.90 -0.73
CA ASP A 389 27.79 -5.90 -0.33
C ASP A 389 27.75 -4.65 -1.23
N ASP A 390 28.66 -3.72 -0.99
CA ASP A 390 28.73 -2.46 -1.75
C ASP A 390 28.99 -2.68 -3.25
N LYS A 391 29.56 -3.82 -3.60
CA LYS A 391 29.80 -4.21 -4.98
C LYS A 391 28.63 -4.98 -5.64
N GLY A 392 27.61 -5.35 -4.89
CA GLY A 392 26.57 -6.19 -5.42
C GLY A 392 26.84 -7.68 -5.35
N ASN A 393 27.81 -8.08 -4.54
CA ASN A 393 28.09 -9.49 -4.33
C ASN A 393 27.39 -10.06 -3.10
N VAL A 394 27.01 -11.32 -3.23
CA VAL A 394 26.34 -12.08 -2.18
C VAL A 394 27.25 -12.28 -0.96
N LEU A 395 26.69 -11.99 0.22
CA LEU A 395 27.38 -12.13 1.48
C LEU A 395 26.94 -13.42 2.16
N PRO A 396 27.81 -13.97 3.02
CA PRO A 396 27.50 -15.20 3.75
C PRO A 396 26.47 -14.93 4.85
N PRO A 397 25.88 -16.01 5.37
CA PRO A 397 24.93 -15.86 6.48
C PRO A 397 25.63 -15.19 7.68
N GLY A 398 24.86 -14.41 8.42
CA GLY A 398 25.30 -13.77 9.62
C GLY A 398 26.04 -12.48 9.39
N THR A 399 26.00 -11.94 8.18
CA THR A 399 26.69 -10.71 7.84
C THR A 399 25.65 -9.67 7.41
N GLU A 400 25.69 -8.51 8.05
CA GLU A 400 24.82 -7.42 7.68
C GLU A 400 25.19 -6.78 6.34
N GLY A 401 24.18 -6.52 5.54
CA GLY A 401 24.36 -5.84 4.27
C GLY A 401 23.03 -5.36 3.82
N ASP A 402 22.93 -5.15 2.51
CA ASP A 402 21.72 -4.63 1.90
C ASP A 402 20.95 -5.78 1.31
N ILE A 403 19.65 -5.74 1.52
CA ILE A 403 18.72 -6.71 0.98
C ILE A 403 18.49 -6.37 -0.49
N GLY A 404 18.64 -7.39 -1.33
CA GLY A 404 18.46 -7.26 -2.77
C GLY A 404 17.73 -8.47 -3.32
N ILE A 405 17.13 -8.29 -4.48
CA ILE A 405 16.53 -9.34 -5.27
C ILE A 405 17.28 -9.41 -6.60
N ARG A 406 17.74 -10.61 -6.97
CA ARG A 406 18.36 -10.80 -8.24
C ARG A 406 17.37 -10.56 -9.42
N VAL A 407 17.67 -9.55 -10.23
CA VAL A 407 16.82 -9.14 -11.36
C VAL A 407 17.54 -9.29 -12.72
N LYS A 408 18.82 -9.63 -12.70
CA LYS A 408 19.56 -9.91 -13.93
C LYS A 408 20.26 -11.26 -13.79
N PRO A 409 20.31 -12.05 -14.88
CA PRO A 409 19.80 -11.67 -16.19
C PRO A 409 18.28 -11.81 -16.35
N ILE A 410 17.57 -12.43 -15.39
CA ILE A 410 16.13 -12.59 -15.54
C ILE A 410 15.41 -11.88 -14.40
N ARG A 411 14.55 -10.93 -14.76
CA ARG A 411 13.70 -10.25 -13.81
C ARG A 411 12.55 -11.17 -13.45
N PRO A 412 12.46 -11.58 -12.17
CA PRO A 412 11.39 -12.47 -11.72
C PRO A 412 9.98 -11.83 -11.81
N ILE A 413 8.97 -12.69 -11.95
CA ILE A 413 7.56 -12.25 -11.96
C ILE A 413 7.22 -11.65 -10.59
N GLY A 414 6.75 -10.41 -10.57
CA GLY A 414 6.38 -9.72 -9.34
C GLY A 414 7.09 -8.38 -9.20
N ILE A 415 8.24 -8.24 -9.85
CA ILE A 415 8.99 -7.00 -9.80
C ILE A 415 8.27 -6.03 -10.72
N PHE A 416 8.13 -4.80 -10.27
CA PHE A 416 7.51 -3.78 -11.09
C PHE A 416 8.28 -3.54 -12.44
N SER A 417 7.61 -2.77 -13.30
CA SER A 417 8.11 -2.45 -14.62
C SER A 417 9.13 -1.31 -14.62
N GLY A 418 9.12 -0.47 -13.60
CA GLY A 418 10.05 0.65 -13.47
C GLY A 418 9.34 1.91 -13.06
N TYR A 419 10.13 2.96 -12.79
CA TYR A 419 9.52 4.25 -12.47
C TYR A 419 9.16 4.93 -13.77
N VAL A 420 7.91 5.41 -13.84
CA VAL A 420 7.33 5.99 -15.05
C VAL A 420 8.14 7.26 -15.41
N ASP A 421 8.54 7.32 -16.68
CA ASP A 421 9.28 8.45 -17.25
C ASP A 421 10.70 8.61 -16.67
N ASN A 422 11.16 7.65 -15.85
CA ASN A 422 12.39 7.81 -15.10
C ASN A 422 13.24 6.57 -15.06
N PRO A 423 13.63 6.06 -16.23
CA PRO A 423 14.42 4.83 -16.29
C PRO A 423 15.79 4.94 -15.59
N ASP A 424 16.28 6.15 -15.43
CA ASP A 424 17.57 6.39 -14.76
C ASP A 424 17.44 6.18 -13.27
N LYS A 425 16.28 6.54 -12.73
CA LYS A 425 15.99 6.28 -11.34
C LYS A 425 15.84 4.77 -11.10
N THR A 426 15.22 4.07 -12.05
CA THR A 426 15.09 2.61 -11.97
C THR A 426 16.47 1.97 -11.95
N ALA A 427 17.34 2.41 -12.86
CA ALA A 427 18.70 1.87 -13.01
C ALA A 427 19.60 2.17 -11.81
N ALA A 428 19.42 3.35 -11.23
CA ALA A 428 20.10 3.78 -10.03
C ALA A 428 19.99 2.83 -8.88
N ASN A 429 18.85 2.15 -8.79
CA ASN A 429 18.62 1.26 -7.69
C ASN A 429 18.99 -0.19 -7.95
N ILE A 430 19.60 -0.47 -9.11
CA ILE A 430 20.14 -1.78 -9.42
C ILE A 430 21.63 -1.75 -9.09
N ARG A 431 22.09 -2.62 -8.19
CA ARG A 431 23.50 -2.72 -7.87
C ARG A 431 23.97 -4.06 -8.36
N GLY A 432 24.84 -4.04 -9.37
CA GLY A 432 25.23 -5.26 -10.07
C GLY A 432 24.01 -5.92 -10.68
N ASP A 433 23.70 -7.13 -10.22
CA ASP A 433 22.54 -7.87 -10.73
C ASP A 433 21.31 -7.81 -9.84
N PHE A 434 21.31 -6.89 -8.86
CA PHE A 434 20.36 -6.87 -7.76
C PHE A 434 19.59 -5.57 -7.69
N TRP A 435 18.26 -5.71 -7.61
CA TRP A 435 17.41 -4.63 -7.17
C TRP A 435 17.56 -4.42 -5.66
N LEU A 436 17.93 -3.20 -5.27
CA LEU A 436 18.01 -2.81 -3.83
C LEU A 436 16.67 -2.44 -3.23
N LEU A 437 16.28 -3.15 -2.16
CA LEU A 437 15.13 -2.81 -1.35
C LEU A 437 15.31 -1.53 -0.54
N GLY A 438 16.55 -1.16 -0.23
CA GLY A 438 16.86 0.03 0.59
C GLY A 438 16.83 -0.27 2.09
N ASP A 439 16.75 -1.56 2.41
CA ASP A 439 16.81 -2.04 3.77
C ASP A 439 18.10 -2.80 4.04
N ARG A 440 18.55 -2.70 5.29
CA ARG A 440 19.62 -3.54 5.81
C ARG A 440 19.03 -4.84 6.36
N GLY A 441 19.83 -5.90 6.28
CA GLY A 441 19.42 -7.19 6.80
C GLY A 441 20.54 -8.17 7.01
N ILE A 442 20.21 -9.23 7.73
CA ILE A 442 21.09 -10.36 7.97
C ILE A 442 20.27 -11.60 7.66
N LYS A 443 20.89 -12.55 7.01
CA LYS A 443 20.28 -13.84 6.68
C LYS A 443 20.90 -14.93 7.57
N ASP A 444 20.05 -15.78 8.17
CA ASP A 444 20.57 -16.87 8.97
C ASP A 444 20.91 -18.15 8.16
N GLU A 445 21.40 -19.18 8.86
CA GLU A 445 21.78 -20.44 8.20
C GLU A 445 20.64 -21.14 7.45
N ASP A 446 19.39 -20.85 7.84
CA ASP A 446 18.23 -21.40 7.14
C ASP A 446 17.65 -20.51 6.05
N GLY A 447 18.27 -19.35 5.80
CA GLY A 447 17.75 -18.42 4.83
C GLY A 447 16.73 -17.43 5.34
N TYR A 448 16.53 -17.35 6.67
CA TYR A 448 15.54 -16.43 7.23
C TYR A 448 16.20 -15.09 7.36
N PHE A 449 15.46 -14.04 7.02
CA PHE A 449 15.98 -12.67 7.08
C PHE A 449 15.56 -11.94 8.32
N GLN A 450 16.51 -11.20 8.89
CA GLN A 450 16.22 -10.25 9.92
C GLN A 450 16.42 -8.81 9.38
N PHE A 451 15.39 -7.98 9.53
CA PHE A 451 15.45 -6.55 9.20
C PHE A 451 16.42 -5.82 10.14
N MET A 452 17.35 -5.06 9.59
CA MET A 452 18.28 -4.31 10.43
C MET A 452 18.19 -2.80 10.20
N GLY A 453 17.07 -2.30 9.68
CA GLY A 453 16.87 -0.86 9.51
C GLY A 453 16.97 -0.41 8.07
N ARG A 454 16.36 0.74 7.78
CA ARG A 454 16.45 1.42 6.48
C ARG A 454 17.89 1.80 6.21
N ALA A 455 18.30 1.64 4.98
CA ALA A 455 19.64 2.04 4.61
C ALA A 455 19.67 3.49 4.11
N ASP A 456 18.52 4.14 3.96
CA ASP A 456 18.45 5.52 3.44
C ASP A 456 17.61 6.47 4.36
N ASP A 457 17.02 7.52 3.80
CA ASP A 457 16.34 8.53 4.62
C ASP A 457 14.81 8.34 4.67
N ILE A 458 14.32 7.22 4.15
CA ILE A 458 12.87 6.94 4.20
C ILE A 458 12.45 6.72 5.66
N ILE A 459 11.27 7.22 5.99
CA ILE A 459 10.69 7.06 7.32
C ILE A 459 9.48 6.16 7.21
N ASN A 460 9.43 5.20 8.11
CA ASN A 460 8.33 4.24 8.17
CA ASN A 460 8.33 4.26 8.15
C ASN A 460 7.55 4.49 9.45
N SER A 461 6.39 5.13 9.32
CA SER A 461 5.54 5.42 10.47
C SER A 461 4.26 4.60 10.34
N SER A 462 4.18 3.57 11.18
CA SER A 462 3.16 2.53 11.07
C SER A 462 3.31 1.89 9.67
N GLY A 463 2.21 1.74 8.93
CA GLY A 463 2.29 1.25 7.55
C GLY A 463 2.99 2.22 6.60
N TYR A 464 2.82 3.51 6.84
CA TYR A 464 3.13 4.55 5.85
C TYR A 464 4.63 4.81 5.63
N ARG A 465 4.98 4.97 4.34
CA ARG A 465 6.35 5.24 3.90
C ARG A 465 6.41 6.72 3.55
N ILE A 466 7.28 7.44 4.25
CA ILE A 466 7.32 8.89 4.19
C ILE A 466 8.68 9.32 3.67
N GLY A 467 8.67 10.12 2.60
CA GLY A 467 9.89 10.73 2.10
C GLY A 467 10.15 12.04 2.84
N PRO A 468 11.37 12.23 3.39
CA PRO A 468 11.64 13.42 4.20
C PRO A 468 11.43 14.73 3.48
N SER A 469 11.72 14.79 2.17
CA SER A 469 11.52 16.02 1.41
C SER A 469 10.06 16.43 1.36
N GLU A 470 9.14 15.48 1.38
CA GLU A 470 7.71 15.80 1.43
C GLU A 470 7.40 16.64 2.68
N VAL A 471 7.94 16.20 3.83
CA VAL A 471 7.67 16.86 5.11
C VAL A 471 8.48 18.17 5.25
N GLU A 472 9.73 18.12 4.81
CA GLU A 472 10.62 19.30 4.88
C GLU A 472 10.03 20.45 4.06
N ASN A 473 9.49 20.12 2.88
CA ASN A 473 8.91 21.08 1.99
C ASN A 473 7.68 21.73 2.61
N ALA A 474 6.82 20.92 3.19
CA ALA A 474 5.64 21.41 3.91
C ALA A 474 6.06 22.42 5.00
N LEU A 475 7.01 22.03 5.85
CA LEU A 475 7.51 22.90 6.92
C LEU A 475 8.11 24.21 6.40
N MET A 476 8.96 24.12 5.38
CA MET A 476 9.63 25.28 4.80
C MET A 476 8.66 26.33 4.29
N GLU A 477 7.42 25.92 3.98
CA GLU A 477 6.42 26.86 3.53
C GLU A 477 6.04 27.87 4.63
N HIS A 478 6.18 27.45 5.88
CA HIS A 478 5.88 28.31 7.01
C HIS A 478 6.99 29.34 7.17
N PRO A 479 6.64 30.61 7.48
CA PRO A 479 7.65 31.64 7.58
C PRO A 479 8.66 31.49 8.71
N ALA A 480 8.30 30.76 9.75
CA ALA A 480 9.24 30.44 10.85
C ALA A 480 10.40 29.55 10.43
N VAL A 481 10.17 28.66 9.47
CA VAL A 481 11.16 27.63 9.14
C VAL A 481 12.06 28.12 8.02
N VAL A 482 13.33 28.32 8.36
CA VAL A 482 14.34 28.68 7.35
C VAL A 482 15.17 27.48 6.90
N GLU A 483 15.20 26.44 7.73
CA GLU A 483 15.89 25.20 7.39
C GLU A 483 15.28 24.08 8.23
N THR A 484 15.29 22.85 7.70
CA THR A 484 14.75 21.71 8.41
C THR A 484 15.29 20.40 7.85
N ALA A 485 15.50 19.43 8.74
CA ALA A 485 15.81 18.07 8.35
C ALA A 485 14.79 17.20 9.07
N VAL A 486 14.19 16.29 8.32
CA VAL A 486 13.22 15.35 8.86
C VAL A 486 13.82 13.94 8.88
N ILE A 487 13.77 13.33 10.05
CA ILE A 487 14.32 12.00 10.25
C ILE A 487 13.32 11.14 11.01
N SER A 488 13.59 9.84 11.02
CA SER A 488 12.85 8.95 11.88
C SER A 488 13.36 9.06 13.30
N SER A 489 12.45 8.82 14.23
CA SER A 489 12.76 8.87 15.64
C SER A 489 12.05 7.71 16.36
N PRO A 490 12.74 7.12 17.35
CA PRO A 490 12.12 5.99 18.07
C PRO A 490 10.94 6.43 18.94
N ASP A 491 9.90 5.62 19.00
CA ASP A 491 8.73 5.94 19.84
C ASP A 491 8.27 4.69 20.56
N PRO A 492 7.96 4.81 21.86
CA PRO A 492 7.56 3.60 22.62
C PRO A 492 6.22 2.99 22.16
N VAL A 493 5.25 3.85 21.82
CA VAL A 493 3.90 3.41 21.49
C VAL A 493 3.73 3.04 20.00
N ARG A 494 4.28 3.89 19.14
CA ARG A 494 4.18 3.74 17.68
C ARG A 494 5.39 3.08 17.03
N GLY A 495 6.51 3.01 17.76
CA GLY A 495 7.73 2.39 17.23
C GLY A 495 8.69 3.37 16.59
N GLU A 496 8.25 3.99 15.50
CA GLU A 496 9.05 4.97 14.76
C GLU A 496 8.16 6.15 14.38
N VAL A 497 8.62 7.38 14.61
CA VAL A 497 7.87 8.58 14.21
C VAL A 497 8.69 9.55 13.35
N VAL A 498 7.97 10.43 12.65
CA VAL A 498 8.54 11.56 11.94
C VAL A 498 8.97 12.58 12.99
N LYS A 499 10.27 12.92 12.99
CA LYS A 499 10.78 14.05 13.75
C LYS A 499 11.40 15.08 12.80
N ALA A 500 11.10 16.35 13.07
CA ALA A 500 11.70 17.48 12.34
C ALA A 500 12.64 18.26 13.24
N PHE A 501 13.86 18.47 12.74
CA PHE A 501 14.77 19.48 13.23
C PHE A 501 14.46 20.77 12.46
N VAL A 502 14.18 21.86 13.18
CA VAL A 502 13.78 23.14 12.60
C VAL A 502 14.71 24.28 13.04
N VAL A 503 15.35 24.91 12.07
CA VAL A 503 16.07 26.15 12.30
C VAL A 503 15.08 27.30 12.07
N LEU A 504 14.97 28.18 13.07
CA LEU A 504 14.02 29.31 13.00
C LEU A 504 14.62 30.59 12.40
N ALA A 505 13.80 31.30 11.61
CA ALA A 505 14.00 32.71 11.30
C ALA A 505 14.18 33.46 12.63
N SER A 506 15.07 34.44 12.62
CA SER A 506 15.48 35.12 13.85
C SER A 506 14.27 35.71 14.56
N GLN A 507 13.30 36.15 13.76
CA GLN A 507 12.02 36.68 14.24
C GLN A 507 11.20 35.75 15.16
N PHE A 508 11.32 34.44 14.95
CA PHE A 508 10.57 33.44 15.73
C PHE A 508 11.32 32.87 16.95
N LEU A 509 12.53 33.33 17.19
CA LEU A 509 13.29 32.88 18.35
C LEU A 509 12.57 33.29 19.65
N SER A 510 11.84 34.39 19.65
CA SER A 510 11.13 34.87 20.86
C SER A 510 9.81 34.14 21.10
N HIS A 511 9.37 33.34 20.14
CA HIS A 511 8.11 32.61 20.26
C HIS A 511 8.21 31.43 21.23
N ASP A 512 7.10 31.15 21.92
CA ASP A 512 6.97 29.96 22.77
C ASP A 512 7.09 28.68 21.94
N PRO A 513 8.10 27.84 22.24
CA PRO A 513 8.36 26.62 21.46
C PRO A 513 7.19 25.63 21.38
N GLU A 514 6.51 25.40 22.51
CA GLU A 514 5.36 24.49 22.52
C GLU A 514 4.22 25.04 21.68
N GLN A 515 3.96 26.34 21.78
CA GLN A 515 2.97 26.97 20.91
C GLN A 515 3.37 26.82 19.42
N LEU A 516 4.61 27.16 19.11
CA LEU A 516 5.08 27.17 17.72
C LEU A 516 5.15 25.75 17.15
N THR A 517 5.56 24.80 17.98
CA THR A 517 5.52 23.37 17.59
C THR A 517 4.13 22.92 17.17
N LYS A 518 3.16 23.23 18.02
CA LYS A 518 1.77 22.93 17.73
C LYS A 518 1.33 23.61 16.41
N GLU A 519 1.70 24.87 16.25
CA GLU A 519 1.35 25.59 15.03
C GLU A 519 2.01 24.97 13.78
N LEU A 520 3.26 24.57 13.89
CA LEU A 520 3.96 23.96 12.75
C LEU A 520 3.37 22.60 12.40
N GLN A 521 3.01 21.84 13.43
CA GLN A 521 2.36 20.53 13.21
C GLN A 521 1.00 20.67 12.51
N GLN A 522 0.23 21.67 12.93
CA GLN A 522 -1.09 21.93 12.33
C GLN A 522 -0.95 22.38 10.89
N HIS A 523 0.07 23.20 10.65
CA HIS A 523 0.42 23.64 9.30
C HIS A 523 0.74 22.46 8.38
N VAL A 524 1.61 21.57 8.83
CA VAL A 524 1.95 20.39 8.03
C VAL A 524 0.68 19.54 7.79
N LYS A 525 -0.14 19.36 8.82
CA LYS A 525 -1.37 18.59 8.65
C LYS A 525 -2.35 19.28 7.69
N SER A 526 -2.33 20.61 7.61
CA SER A 526 -3.25 21.30 6.71
C SER A 526 -2.84 21.19 5.24
N VAL A 527 -1.55 21.03 4.97
CA VAL A 527 -1.04 21.15 3.59
C VAL A 527 -0.79 19.83 2.91
N THR A 528 -0.57 18.76 3.70
CA THR A 528 -0.27 17.43 3.13
C THR A 528 -0.91 16.32 3.97
N ALA A 529 -1.09 15.14 3.38
CA ALA A 529 -1.71 14.01 4.11
C ALA A 529 -1.14 13.95 5.52
N PRO A 530 -2.01 14.04 6.56
CA PRO A 530 -1.64 14.16 7.97
C PRO A 530 -0.79 13.03 8.57
N TYR A 531 -0.77 11.86 7.93
CA TYR A 531 0.08 10.74 8.39
C TYR A 531 1.57 11.06 8.35
N LYS A 532 1.97 12.06 7.55
CA LYS A 532 3.38 12.48 7.43
C LYS A 532 3.82 13.51 8.48
N TYR A 533 2.90 14.03 9.27
CA TYR A 533 3.21 15.19 10.10
C TYR A 533 4.28 14.83 11.14
N PRO A 534 5.15 15.81 11.49
CA PRO A 534 6.18 15.54 12.51
C PRO A 534 5.65 15.52 13.93
N ARG A 535 5.59 14.32 14.49
CA ARG A 535 5.05 14.15 15.83
C ARG A 535 6.00 14.80 16.84
N LYS A 536 7.28 14.91 16.47
CA LYS A 536 8.28 15.57 17.30
C LYS A 536 8.92 16.70 16.47
N ILE A 537 9.04 17.88 17.08
CA ILE A 537 9.84 18.98 16.49
C ILE A 537 10.88 19.41 17.52
N GLU A 538 12.13 19.47 17.10
CA GLU A 538 13.21 20.06 17.89
C GLU A 538 13.75 21.29 17.18
N PHE A 539 13.69 22.42 17.86
CA PHE A 539 14.29 23.63 17.32
C PHE A 539 15.79 23.63 17.57
N VAL A 540 16.56 23.90 16.52
CA VAL A 540 18.02 23.92 16.59
C VAL A 540 18.54 25.15 15.82
N LEU A 541 19.77 25.56 16.13
CA LEU A 541 20.37 26.72 15.49
C LEU A 541 21.07 26.38 14.19
N ASN A 542 21.31 25.09 13.96
CA ASN A 542 22.03 24.65 12.76
C ASN A 542 21.93 23.13 12.53
N LEU A 543 22.28 22.73 11.32
CA LEU A 543 22.21 21.35 10.85
C LEU A 543 23.52 21.02 10.16
N PRO A 544 24.07 19.81 10.38
CA PRO A 544 25.39 19.42 9.85
C PRO A 544 25.37 19.25 8.31
N LYS A 545 26.42 19.72 7.64
CA LYS A 545 26.43 19.77 6.18
C LYS A 545 27.63 19.06 5.60
N THR A 546 27.41 18.34 4.51
CA THR A 546 28.49 17.87 3.67
C THR A 546 29.21 19.06 2.98
N VAL A 547 30.38 18.82 2.40
CA VAL A 547 31.04 19.81 1.57
C VAL A 547 30.24 20.19 0.31
N THR A 548 29.19 19.44 -0.02
CA THR A 548 28.31 19.85 -1.10
C THR A 548 27.11 20.63 -0.54
N GLY A 549 27.05 20.80 0.78
CA GLY A 549 26.00 21.57 1.40
C GLY A 549 24.74 20.75 1.66
N LYS A 550 24.84 19.42 1.61
CA LYS A 550 23.69 18.59 1.90
C LYS A 550 23.61 18.40 3.41
N ILE A 551 22.39 18.42 3.96
CA ILE A 551 22.20 18.04 5.36
C ILE A 551 22.51 16.54 5.55
N GLN A 552 23.27 16.25 6.61
CA GLN A 552 23.65 14.89 6.95
C GLN A 552 22.61 14.20 7.82
N ARG A 553 21.52 13.73 7.21
CA ARG A 553 20.39 13.12 7.94
C ARG A 553 20.79 11.86 8.68
N ALA A 554 21.68 11.07 8.08
CA ALA A 554 22.21 9.85 8.72
C ALA A 554 22.87 10.14 10.07
N LYS A 555 23.59 11.26 10.12
CA LYS A 555 24.27 11.71 11.32
C LYS A 555 23.26 12.09 12.39
N LEU A 556 22.19 12.76 11.98
CA LEU A 556 21.11 13.18 12.88
C LEU A 556 20.30 11.99 13.39
N ARG A 557 20.03 11.06 12.48
CA ARG A 557 19.32 9.83 12.79
C ARG A 557 20.14 8.95 13.71
N ASP A 558 21.44 8.89 13.47
CA ASP A 558 22.32 8.10 14.33
C ASP A 558 22.30 8.62 15.77
N LYS A 559 22.44 9.93 15.94
CA LYS A 559 22.34 10.52 17.27
C LYS A 559 20.93 10.32 17.84
N GLU A 560 19.92 10.47 17.00
CA GLU A 560 18.51 10.39 17.42
C GLU A 560 18.16 9.02 17.98
N TRP A 561 18.51 7.96 17.24
CA TRP A 561 18.41 6.61 17.71
C TRP A 561 19.69 6.28 18.51
N LYS A 562 19.65 6.55 19.81
CA LYS A 562 20.81 6.32 20.70
C LYS A 562 22.15 6.62 20.02
#